data_2PMU
#
_entry.id   2PMU
#
_cell.length_a   103.884
_cell.length_b   101.129
_cell.length_c   86.930
_cell.angle_alpha   90.00
_cell.angle_beta   126.72
_cell.angle_gamma   90.00
#
_symmetry.space_group_name_H-M   'C 1 2 1'
#
loop_
_entity.id
_entity.type
_entity.pdbx_description
1 polymer 'response regulator PHOP'
2 non-polymer 'PHOSPHATE ION'
3 non-polymer 'POTASSIUM ION'
4 non-polymer 'UNKNOWN ATOM OR ION'
5 non-polymer 'CHLORIDE ION'
6 non-polymer GLYCINE
7 water water
#
_entity_poly.entity_id   1
_entity_poly.type   'polypeptide(L)'
_entity_poly.pdbx_seq_one_letter_code
;GTHMKEPRNVRLTFADIELDEETHEVWKAGQPVSLSPTEFTLLRYFVINAGTVLSKPKILDHVWRYDFGGDVNVVESYVS
YLRRKIDTGEKRLLHTLRGVGYVLREPRKL
;
_entity_poly.pdbx_strand_id   A,B,C,D,E,F
#
loop_
_chem_comp.id
_chem_comp.type
_chem_comp.name
_chem_comp.formula
CL non-polymer 'CHLORIDE ION' 'Cl -1'
K non-polymer 'POTASSIUM ION' 'K 1'
PO4 non-polymer 'PHOSPHATE ION' 'O4 P -3'
UNX non-polymer 'UNKNOWN ATOM OR ION' ?
#
# COMPACT_ATOMS: atom_id res chain seq x y z
N VAL A 10 -18.86 -4.79 17.39
CA VAL A 10 -18.39 -4.00 16.21
C VAL A 10 -18.75 -4.65 14.86
N ARG A 11 -18.99 -5.96 14.85
CA ARG A 11 -19.31 -6.71 13.63
C ARG A 11 -20.81 -6.76 13.36
N LEU A 12 -21.21 -6.35 12.15
CA LEU A 12 -22.61 -6.30 11.71
C LEU A 12 -22.69 -7.11 10.44
N THR A 13 -23.54 -8.11 10.39
CA THR A 13 -23.62 -8.93 9.18
C THR A 13 -25.06 -9.18 8.78
N PHE A 14 -25.26 -9.38 7.48
CA PHE A 14 -26.57 -9.85 7.00
C PHE A 14 -26.24 -10.77 5.84
N ALA A 15 -26.64 -12.06 5.90
CA ALA A 15 -26.35 -13.00 4.80
C ALA A 15 -24.83 -12.97 4.64
N ASP A 16 -24.29 -12.68 3.45
CA ASP A 16 -22.80 -12.63 3.23
C ASP A 16 -22.30 -11.20 3.04
N ILE A 17 -23.05 -10.23 3.58
CA ILE A 17 -22.54 -8.88 3.74
C ILE A 17 -22.00 -8.70 5.17
N GLU A 18 -20.79 -8.15 5.30
CA GLU A 18 -20.16 -7.95 6.62
C GLU A 18 -19.69 -6.50 6.70
N LEU A 19 -19.99 -5.82 7.82
CA LEU A 19 -19.53 -4.45 8.05
C LEU A 19 -18.77 -4.43 9.36
N ASP A 20 -17.70 -3.66 9.40
CA ASP A 20 -17.02 -3.43 10.66
C ASP A 20 -17.42 -2.02 11.07
N GLU A 21 -18.21 -1.90 12.13
CA GLU A 21 -18.67 -0.60 12.55
C GLU A 21 -17.56 0.34 13.03
N GLU A 22 -16.41 -0.23 13.37
CA GLU A 22 -15.27 0.55 13.87
C GLU A 22 -14.42 1.11 12.72
N THR A 23 -14.06 0.24 11.79
CA THR A 23 -13.10 0.58 10.74
C THR A 23 -13.80 1.02 9.48
N HIS A 24 -15.10 0.72 9.38
CA HIS A 24 -15.93 0.94 8.16
C HIS A 24 -15.50 0.06 6.99
N GLU A 25 -14.83 -1.03 7.31
CA GLU A 25 -14.50 -2.04 6.33
C GLU A 25 -15.76 -2.81 5.94
N VAL A 26 -15.86 -3.23 4.68
CA VAL A 26 -17.05 -3.96 4.22
C VAL A 26 -16.57 -5.16 3.36
N TRP A 27 -17.30 -6.24 3.47
CA TRP A 27 -17.04 -7.46 2.65
C TRP A 27 -18.34 -7.96 2.08
N LYS A 28 -18.26 -8.55 0.89
CA LYS A 28 -19.42 -9.22 0.31
C LYS A 28 -18.87 -10.53 -0.24
N ALA A 29 -19.47 -11.64 0.19
CA ALA A 29 -19.08 -12.96 -0.25
C ALA A 29 -17.61 -13.20 0.10
N GLY A 30 -17.21 -12.62 1.24
CA GLY A 30 -15.86 -12.85 1.75
C GLY A 30 -14.80 -11.92 1.17
N GLN A 31 -15.19 -11.03 0.23
CA GLN A 31 -14.20 -10.23 -0.50
C GLN A 31 -14.37 -8.78 -0.10
N PRO A 32 -13.25 -8.04 0.05
CA PRO A 32 -13.38 -6.62 0.46
C PRO A 32 -14.08 -5.78 -0.59
N VAL A 33 -14.88 -4.83 -0.16
CA VAL A 33 -15.53 -3.91 -1.07
C VAL A 33 -15.25 -2.47 -0.55
N SER A 34 -14.79 -1.58 -1.41
CA SER A 34 -14.56 -0.15 -1.08
C SER A 34 -15.80 0.66 -1.32
N LEU A 35 -16.29 1.33 -0.27
CA LEU A 35 -17.47 2.19 -0.34
C LEU A 35 -17.11 3.63 0.05
N SER A 36 -17.83 4.62 -0.50
CA SER A 36 -17.63 6.03 -0.04
C SER A 36 -18.34 6.14 1.30
N PRO A 37 -18.07 7.23 2.05
CA PRO A 37 -18.74 7.39 3.34
C PRO A 37 -20.27 7.36 3.22
N THR A 38 -20.84 8.00 2.21
CA THR A 38 -22.32 7.96 2.09
C THR A 38 -22.79 6.55 1.75
N GLU A 39 -22.07 5.85 0.87
CA GLU A 39 -22.45 4.46 0.56
C GLU A 39 -22.41 3.59 1.82
N PHE A 40 -21.39 3.77 2.65
CA PHE A 40 -21.31 2.98 3.90
C PHE A 40 -22.50 3.29 4.81
N THR A 41 -22.80 4.56 4.97
CA THR A 41 -23.95 4.91 5.83
C THR A 41 -25.26 4.31 5.34
N LEU A 42 -25.46 4.35 4.02
CA LEU A 42 -26.66 3.79 3.38
C LEU A 42 -26.69 2.28 3.62
N LEU A 43 -25.55 1.62 3.43
CA LEU A 43 -25.55 0.16 3.56
C LEU A 43 -25.83 -0.16 5.03
N ARG A 44 -25.16 0.53 5.94
CA ARG A 44 -25.39 0.25 7.38
C ARG A 44 -26.88 0.39 7.72
N TYR A 45 -27.49 1.42 7.20
CA TYR A 45 -28.93 1.67 7.50
C TYR A 45 -29.80 0.50 7.01
N PHE A 46 -29.47 -0.07 5.86
CA PHE A 46 -30.20 -1.22 5.36
C PHE A 46 -29.96 -2.44 6.27
N VAL A 47 -28.70 -2.66 6.63
CA VAL A 47 -28.32 -3.84 7.43
C VAL A 47 -28.96 -3.81 8.82
N ILE A 48 -28.93 -2.66 9.52
CA ILE A 48 -29.51 -2.61 10.85
C ILE A 48 -31.04 -2.70 10.73
N ASN A 49 -31.55 -2.43 9.55
CA ASN A 49 -33.00 -2.57 9.31
C ASN A 49 -33.32 -3.72 8.36
N ALA A 50 -32.50 -4.77 8.41
CA ALA A 50 -32.70 -5.89 7.47
C ALA A 50 -34.13 -6.42 7.57
N GLY A 51 -34.78 -6.63 6.43
CA GLY A 51 -36.12 -7.19 6.38
C GLY A 51 -37.22 -6.13 6.54
N THR A 52 -36.85 -4.90 6.91
CA THR A 52 -37.79 -3.79 7.09
C THR A 52 -37.81 -2.95 5.83
N VAL A 53 -39.02 -2.67 5.35
CA VAL A 53 -39.11 -1.86 4.13
C VAL A 53 -38.85 -0.40 4.47
N LEU A 54 -37.99 0.23 3.70
CA LEU A 54 -37.60 1.60 3.97
C LEU A 54 -37.99 2.46 2.78
N SER A 55 -38.83 3.46 3.00
CA SER A 55 -39.31 4.31 1.88
C SER A 55 -38.19 5.26 1.39
N LYS A 56 -38.32 5.79 0.18
CA LYS A 56 -37.30 6.76 -0.27
C LYS A 56 -37.24 8.03 0.64
N PRO A 57 -38.40 8.59 1.02
CA PRO A 57 -38.34 9.78 1.94
C PRO A 57 -37.64 9.45 3.25
N LYS A 58 -37.90 8.26 3.80
CA LYS A 58 -37.23 7.84 5.04
C LYS A 58 -35.70 7.74 4.91
N ILE A 59 -35.24 7.11 3.83
CA ILE A 59 -33.81 6.99 3.59
C ILE A 59 -33.22 8.34 3.36
N LEU A 60 -33.95 9.17 2.61
CA LEU A 60 -33.41 10.50 2.26
C LEU A 60 -33.18 11.28 3.54
N ASP A 61 -34.18 11.30 4.41
CA ASP A 61 -34.06 12.14 5.61
C ASP A 61 -33.10 11.48 6.61
N HIS A 62 -32.96 10.15 6.59
CA HIS A 62 -31.98 9.51 7.46
C HIS A 62 -30.53 9.80 7.04
N VAL A 63 -30.21 9.51 5.79
CA VAL A 63 -28.81 9.57 5.30
C VAL A 63 -28.40 10.98 4.98
N TRP A 64 -29.30 11.70 4.32
CA TRP A 64 -29.10 13.14 4.06
C TRP A 64 -30.04 13.97 4.95
N ARG A 65 -30.99 14.71 4.37
CA ARG A 65 -32.05 15.42 5.08
C ARG A 65 -33.16 15.61 4.08
N TYR A 66 -34.36 15.87 4.56
CA TYR A 66 -35.57 15.87 3.72
C TYR A 66 -35.53 16.87 2.57
N ASP A 67 -34.78 17.95 2.75
CA ASP A 67 -34.70 19.04 1.76
C ASP A 67 -33.48 18.92 0.85
N PHE A 68 -32.86 17.74 0.83
CA PHE A 68 -31.70 17.48 -0.04
C PHE A 68 -32.25 17.09 -1.41
N GLY A 69 -32.71 18.11 -2.14
CA GLY A 69 -33.53 17.93 -3.36
C GLY A 69 -32.70 17.94 -4.62
N GLY A 70 -33.16 18.68 -5.63
CA GLY A 70 -32.42 18.80 -6.90
C GLY A 70 -33.24 18.47 -8.14
N ASP A 71 -32.66 17.63 -9.00
CA ASP A 71 -33.32 17.21 -10.26
C ASP A 71 -33.55 15.69 -10.32
N VAL A 72 -32.47 14.90 -10.25
CA VAL A 72 -32.60 13.43 -10.08
C VAL A 72 -32.40 13.01 -8.61
N ASN A 73 -33.05 11.92 -8.21
CA ASN A 73 -33.04 11.61 -6.81
C ASN A 73 -31.85 10.85 -6.29
N VAL A 74 -31.34 11.47 -5.26
CA VAL A 74 -30.06 11.01 -4.72
C VAL A 74 -30.18 9.61 -4.13
N VAL A 75 -31.36 9.26 -3.61
CA VAL A 75 -31.56 7.91 -3.00
C VAL A 75 -31.49 6.87 -4.08
N GLU A 76 -32.25 7.07 -5.14
CA GLU A 76 -32.15 6.15 -6.31
C GLU A 76 -30.72 5.98 -6.83
N SER A 77 -30.01 7.11 -6.99
CA SER A 77 -28.62 7.09 -7.45
C SER A 77 -27.75 6.23 -6.52
N TYR A 78 -27.80 6.50 -5.23
CA TYR A 78 -26.91 5.81 -4.30
C TYR A 78 -27.28 4.35 -4.11
N VAL A 79 -28.58 4.03 -4.18
CA VAL A 79 -28.95 2.62 -4.25
C VAL A 79 -28.32 1.90 -5.46
N SER A 80 -28.31 2.54 -6.63
CA SER A 80 -27.67 1.99 -7.84
CA SER A 80 -27.67 1.94 -7.80
C SER A 80 -26.20 1.77 -7.55
N TYR A 81 -25.56 2.80 -7.01
CA TYR A 81 -24.11 2.71 -6.79
C TYR A 81 -23.83 1.55 -5.85
N LEU A 82 -24.60 1.48 -4.78
CA LEU A 82 -24.38 0.46 -3.76
C LEU A 82 -24.65 -0.94 -4.33
N ARG A 83 -25.69 -1.09 -5.13
CA ARG A 83 -25.99 -2.39 -5.75
C ARG A 83 -24.85 -2.85 -6.65
N ARG A 84 -24.26 -1.91 -7.42
CA ARG A 84 -23.15 -2.24 -8.31
C ARG A 84 -21.91 -2.68 -7.54
N LYS A 85 -21.74 -2.16 -6.33
CA LYS A 85 -20.62 -2.56 -5.49
C LYS A 85 -20.85 -3.83 -4.70
N ILE A 86 -22.07 -4.01 -4.19
CA ILE A 86 -22.36 -4.92 -3.07
C ILE A 86 -23.34 -6.04 -3.47
N ASP A 87 -24.13 -5.83 -4.54
CA ASP A 87 -25.28 -6.76 -4.77
C ASP A 87 -25.07 -7.43 -6.06
N THR A 88 -23.95 -8.18 -6.06
CA THR A 88 -23.38 -8.81 -7.19
C THR A 88 -23.53 -10.33 -7.15
N GLY A 89 -24.12 -10.88 -6.07
CA GLY A 89 -24.29 -12.34 -5.98
C GLY A 89 -25.34 -12.92 -6.92
N GLU A 90 -25.34 -14.23 -7.11
CA GLU A 90 -26.36 -14.84 -7.93
C GLU A 90 -27.73 -14.53 -7.35
N LYS A 91 -27.79 -14.41 -6.03
CA LYS A 91 -29.04 -14.11 -5.33
C LYS A 91 -28.95 -12.64 -4.90
N ARG A 92 -29.87 -11.82 -5.38
CA ARG A 92 -29.82 -10.40 -5.00
C ARG A 92 -30.45 -10.25 -3.61
N LEU A 93 -29.90 -9.33 -2.81
CA LEU A 93 -30.38 -9.01 -1.45
C LEU A 93 -31.06 -7.65 -1.33
N LEU A 94 -30.75 -6.71 -2.22
CA LEU A 94 -31.30 -5.35 -2.15
C LEU A 94 -32.43 -5.17 -3.15
N HIS A 95 -33.68 -5.17 -2.66
CA HIS A 95 -34.82 -5.25 -3.54
C HIS A 95 -35.62 -3.96 -3.59
N THR A 96 -36.14 -3.66 -4.77
CA THR A 96 -37.02 -2.54 -4.99
C THR A 96 -38.48 -3.02 -4.85
N LEU A 97 -39.22 -2.26 -4.04
CA LEU A 97 -40.66 -2.48 -3.92
C LEU A 97 -41.37 -1.24 -4.49
N ARG A 98 -41.79 -1.35 -5.73
CA ARG A 98 -42.31 -0.19 -6.46
C ARG A 98 -43.40 0.56 -5.66
N GLY A 99 -43.27 1.88 -5.57
CA GLY A 99 -44.18 2.73 -4.82
C GLY A 99 -44.09 2.68 -3.31
N VAL A 100 -43.26 1.78 -2.81
CA VAL A 100 -43.09 1.55 -1.38
C VAL A 100 -41.67 1.84 -0.88
N GLY A 101 -40.65 1.43 -1.61
CA GLY A 101 -39.27 1.66 -1.16
C GLY A 101 -38.37 0.51 -1.50
N TYR A 102 -37.47 0.21 -0.58
CA TYR A 102 -36.45 -0.79 -0.78
C TYR A 102 -36.39 -1.66 0.47
N VAL A 103 -35.94 -2.90 0.31
CA VAL A 103 -35.75 -3.79 1.45
C VAL A 103 -34.51 -4.64 1.19
N LEU A 104 -33.74 -4.82 2.25
CA LEU A 104 -32.63 -5.82 2.26
C LEU A 104 -33.19 -7.14 2.81
N ARG A 105 -33.14 -8.22 2.04
CA ARG A 105 -33.70 -9.52 2.47
C ARG A 105 -33.13 -10.62 1.58
N GLU A 106 -33.21 -11.87 2.01
CA GLU A 106 -32.70 -13.00 1.23
C GLU A 106 -33.83 -13.46 0.33
N PRO A 107 -33.54 -13.87 -0.93
CA PRO A 107 -34.65 -14.33 -1.77
C PRO A 107 -35.16 -15.69 -1.27
N LYS B 5 -13.17 15.07 21.51
CA LYS B 5 -11.89 14.82 20.79
C LYS B 5 -12.07 14.25 19.36
N GLU B 6 -13.21 13.60 19.10
CA GLU B 6 -13.58 13.07 17.76
C GLU B 6 -15.09 13.13 17.35
N PRO B 7 -15.96 13.78 18.17
CA PRO B 7 -17.35 14.01 17.74
C PRO B 7 -17.37 15.05 16.62
N ARG B 8 -17.20 14.61 15.39
CA ARG B 8 -16.88 15.52 14.28
C ARG B 8 -17.52 15.15 12.93
N ASN B 9 -17.93 16.15 12.14
CA ASN B 9 -18.28 15.94 10.76
C ASN B 9 -17.55 16.98 9.89
N VAL B 10 -16.67 16.52 9.01
CA VAL B 10 -15.93 17.45 8.18
C VAL B 10 -16.09 17.14 6.73
N ARG B 11 -17.29 16.69 6.35
CA ARG B 11 -17.56 16.32 4.98
C ARG B 11 -18.43 17.35 4.30
N LEU B 12 -18.22 17.56 3.02
CA LEU B 12 -19.12 18.43 2.26
C LEU B 12 -19.69 17.57 1.16
N THR B 13 -20.89 17.90 0.71
CA THR B 13 -21.55 17.10 -0.32
C THR B 13 -22.18 18.03 -1.34
N PHE B 14 -22.17 17.64 -2.61
CA PHE B 14 -23.09 18.24 -3.57
C PHE B 14 -23.51 17.08 -4.46
N ALA B 15 -24.80 16.82 -4.57
CA ALA B 15 -25.28 15.76 -5.50
C ALA B 15 -24.56 14.48 -5.13
N ASP B 16 -23.82 13.86 -6.08
CA ASP B 16 -23.09 12.63 -5.75
C ASP B 16 -21.60 12.85 -5.63
N ILE B 17 -21.21 14.07 -5.25
CA ILE B 17 -19.81 14.37 -4.97
C ILE B 17 -19.66 14.47 -3.45
N GLU B 18 -18.61 13.86 -2.89
CA GLU B 18 -18.42 13.86 -1.45
C GLU B 18 -16.95 14.29 -1.24
N LEU B 19 -16.72 15.20 -0.33
CA LEU B 19 -15.34 15.63 -0.05
C LEU B 19 -15.11 15.49 1.45
N ASP B 20 -13.90 15.15 1.89
CA ASP B 20 -13.55 15.16 3.33
C ASP B 20 -12.52 16.25 3.49
N GLU B 21 -12.84 17.30 4.25
CA GLU B 21 -11.92 18.43 4.41
C GLU B 21 -10.63 18.12 5.16
N GLU B 22 -10.66 17.07 5.96
CA GLU B 22 -9.50 16.69 6.75
C GLU B 22 -8.50 15.91 5.91
N THR B 23 -9.00 14.90 5.23
CA THR B 23 -8.12 13.98 4.44
C THR B 23 -7.92 14.38 3.00
N HIS B 24 -8.78 15.30 2.54
CA HIS B 24 -8.85 15.67 1.12
C HIS B 24 -9.24 14.50 0.19
N GLU B 25 -9.79 13.43 0.76
CA GLU B 25 -10.38 12.42 -0.08
C GLU B 25 -11.60 12.99 -0.76
N VAL B 26 -11.88 12.47 -1.95
CA VAL B 26 -13.08 12.86 -2.69
C VAL B 26 -13.64 11.62 -3.33
N TRP B 27 -14.96 11.60 -3.46
CA TRP B 27 -15.63 10.49 -4.17
C TRP B 27 -16.61 11.11 -5.15
N LYS B 28 -16.77 10.49 -6.31
CA LYS B 28 -17.79 10.90 -7.24
C LYS B 28 -18.55 9.64 -7.57
N ALA B 29 -19.87 9.70 -7.40
CA ALA B 29 -20.69 8.52 -7.60
C ALA B 29 -20.13 7.28 -6.88
N GLY B 30 -19.63 7.49 -5.66
CA GLY B 30 -19.20 6.42 -4.78
C GLY B 30 -17.74 6.01 -5.03
N GLN B 31 -17.14 6.54 -6.10
CA GLN B 31 -15.78 6.08 -6.52
C GLN B 31 -14.73 7.11 -6.12
N PRO B 32 -13.58 6.64 -5.62
CA PRO B 32 -12.60 7.61 -5.17
C PRO B 32 -11.97 8.40 -6.34
N VAL B 33 -11.71 9.66 -6.06
CA VAL B 33 -11.09 10.60 -6.97
C VAL B 33 -9.89 11.23 -6.26
N SER B 34 -8.73 11.18 -6.92
CA SER B 34 -7.52 11.79 -6.37
CA SER B 34 -7.51 11.79 -6.37
C SER B 34 -7.33 13.19 -6.91
N LEU B 35 -7.39 14.18 -6.01
CA LEU B 35 -7.21 15.62 -6.39
C LEU B 35 -5.97 16.19 -5.81
N SER B 36 -5.30 17.13 -6.53
CA SER B 36 -4.16 17.85 -5.94
C SER B 36 -4.78 18.91 -5.01
N PRO B 37 -3.97 19.52 -4.12
CA PRO B 37 -4.56 20.53 -3.21
C PRO B 37 -5.29 21.68 -3.91
N THR B 38 -4.73 22.15 -5.04
CA THR B 38 -5.36 23.19 -5.83
C THR B 38 -6.73 22.72 -6.42
N GLU B 39 -6.73 21.52 -7.01
CA GLU B 39 -7.99 20.92 -7.51
C GLU B 39 -8.96 20.78 -6.38
N PHE B 40 -8.48 20.35 -5.21
CA PHE B 40 -9.42 20.18 -4.06
C PHE B 40 -10.03 21.53 -3.67
N THR B 41 -9.18 22.56 -3.56
CA THR B 41 -9.61 23.90 -3.14
C THR B 41 -10.63 24.42 -4.15
N LEU B 42 -10.35 24.15 -5.42
CA LEU B 42 -11.24 24.61 -6.49
C LEU B 42 -12.58 23.91 -6.40
N LEU B 43 -12.55 22.60 -6.23
CA LEU B 43 -13.82 21.87 -6.08
C LEU B 43 -14.61 22.36 -4.87
N ARG B 44 -13.93 22.52 -3.73
CA ARG B 44 -14.57 23.06 -2.53
C ARG B 44 -15.24 24.38 -2.80
N TYR B 45 -14.53 25.27 -3.49
CA TYR B 45 -15.06 26.58 -3.81
C TYR B 45 -16.31 26.47 -4.67
N PHE B 46 -16.32 25.58 -5.68
CA PHE B 46 -17.56 25.38 -6.48
C PHE B 46 -18.68 24.80 -5.64
N VAL B 47 -18.34 23.86 -4.76
CA VAL B 47 -19.36 23.17 -3.97
C VAL B 47 -20.02 24.15 -3.00
N ILE B 48 -19.19 24.88 -2.26
CA ILE B 48 -19.69 25.88 -1.31
C ILE B 48 -20.52 26.90 -2.05
N ASN B 49 -20.18 27.17 -3.31
CA ASN B 49 -20.91 28.14 -4.13
C ASN B 49 -21.77 27.55 -5.27
N ALA B 50 -22.31 26.36 -5.06
CA ALA B 50 -23.07 25.64 -6.08
C ALA B 50 -24.26 26.45 -6.57
N GLY B 51 -24.49 26.44 -7.88
CA GLY B 51 -25.57 27.17 -8.51
C GLY B 51 -25.23 28.62 -8.83
N THR B 52 -24.12 29.12 -8.28
CA THR B 52 -23.65 30.47 -8.57
C THR B 52 -22.69 30.47 -9.76
N VAL B 53 -22.88 31.40 -10.68
CA VAL B 53 -21.93 31.54 -11.80
C VAL B 53 -20.69 32.35 -11.37
N LEU B 54 -19.52 31.72 -11.48
CA LEU B 54 -18.27 32.29 -10.97
C LEU B 54 -17.32 32.62 -12.10
N SER B 55 -16.99 33.92 -12.24
CA SER B 55 -16.05 34.37 -13.25
C SER B 55 -14.65 33.85 -12.94
N LYS B 56 -13.77 33.90 -13.92
CA LYS B 56 -12.39 33.52 -13.69
C LYS B 56 -11.66 34.41 -12.64
N PRO B 57 -11.82 35.76 -12.69
CA PRO B 57 -11.34 36.60 -11.57
C PRO B 57 -11.64 36.16 -10.10
N LYS B 58 -12.89 35.81 -9.77
CA LYS B 58 -13.25 35.40 -8.40
C LYS B 58 -12.55 34.12 -7.98
N ILE B 59 -12.53 33.17 -8.90
CA ILE B 59 -11.94 31.90 -8.62
C ILE B 59 -10.46 32.08 -8.31
N LEU B 60 -9.78 32.85 -9.16
CA LEU B 60 -8.37 33.13 -9.00
C LEU B 60 -8.15 33.68 -7.60
N ASP B 61 -8.86 34.78 -7.30
CA ASP B 61 -8.86 35.42 -5.99
C ASP B 61 -9.03 34.42 -4.81
N HIS B 62 -9.88 33.41 -4.98
CA HIS B 62 -10.22 32.54 -3.87
C HIS B 62 -9.46 31.27 -3.73
N VAL B 63 -9.02 30.72 -4.85
CA VAL B 63 -8.43 29.38 -4.84
C VAL B 63 -6.91 29.39 -4.58
N TRP B 64 -6.28 30.53 -4.83
CA TRP B 64 -4.84 30.71 -4.57
C TRP B 64 -4.67 31.97 -3.77
N ARG B 65 -3.51 32.11 -3.11
CA ARG B 65 -3.17 33.36 -2.43
C ARG B 65 -2.97 34.45 -3.46
N TYR B 66 -3.25 35.69 -3.09
CA TYR B 66 -3.03 36.78 -4.03
C TYR B 66 -1.60 36.79 -4.58
N ASP B 67 -0.64 36.35 -3.76
CA ASP B 67 0.79 36.39 -4.10
C ASP B 67 1.20 35.22 -5.05
N PHE B 68 0.23 34.41 -5.46
CA PHE B 68 0.41 33.39 -6.51
C PHE B 68 0.61 34.01 -7.91
N GLY B 69 0.54 33.18 -8.95
CA GLY B 69 0.52 33.66 -10.35
C GLY B 69 -0.89 33.98 -10.82
N GLY B 70 -1.13 35.28 -10.98
CA GLY B 70 -2.47 35.85 -11.19
C GLY B 70 -2.91 35.98 -12.63
N ASP B 71 -3.23 34.84 -13.22
CA ASP B 71 -3.54 34.70 -14.62
C ASP B 71 -4.81 33.87 -14.70
N VAL B 72 -5.83 34.35 -15.41
CA VAL B 72 -7.05 33.56 -15.64
C VAL B 72 -6.78 32.31 -16.51
N ASN B 73 -5.64 32.29 -17.21
CA ASN B 73 -5.24 31.05 -17.92
C ASN B 73 -4.94 29.86 -16.99
N VAL B 74 -4.35 30.10 -15.82
CA VAL B 74 -4.17 29.01 -14.83
C VAL B 74 -5.51 28.49 -14.31
N VAL B 75 -6.47 29.40 -14.14
CA VAL B 75 -7.76 28.96 -13.70
C VAL B 75 -8.39 28.01 -14.70
N GLU B 76 -8.39 28.42 -15.96
CA GLU B 76 -8.88 27.62 -17.05
C GLU B 76 -8.23 26.23 -17.09
N SER B 77 -6.89 26.20 -16.97
CA SER B 77 -6.18 24.92 -16.86
C SER B 77 -6.71 24.08 -15.72
N TYR B 78 -6.81 24.66 -14.53
CA TYR B 78 -7.20 23.85 -13.39
C TYR B 78 -8.64 23.40 -13.46
N VAL B 79 -9.49 24.20 -14.10
CA VAL B 79 -10.89 23.81 -14.20
C VAL B 79 -10.94 22.59 -15.14
N SER B 80 -10.16 22.64 -16.23
CA SER B 80 -9.95 21.50 -17.14
C SER B 80 -9.48 20.24 -16.37
N TYR B 81 -8.41 20.35 -15.59
CA TYR B 81 -7.92 19.18 -14.83
C TYR B 81 -8.98 18.59 -13.91
N LEU B 82 -9.66 19.47 -13.19
CA LEU B 82 -10.72 19.05 -12.30
C LEU B 82 -11.87 18.35 -13.03
N ARG B 83 -12.32 18.92 -14.14
CA ARG B 83 -13.45 18.35 -14.86
C ARG B 83 -13.13 16.92 -15.33
N ARG B 84 -11.89 16.73 -15.75
CA ARG B 84 -11.45 15.44 -16.31
C ARG B 84 -11.55 14.36 -15.22
N LYS B 85 -11.33 14.77 -13.99
CA LYS B 85 -11.30 13.87 -12.86
C LYS B 85 -12.64 13.67 -12.20
N ILE B 86 -13.47 14.72 -12.15
CA ILE B 86 -14.67 14.67 -11.32
C ILE B 86 -15.97 14.67 -12.14
N ASP B 87 -15.88 15.06 -13.41
CA ASP B 87 -17.11 15.39 -14.20
C ASP B 87 -17.12 14.74 -15.56
N THR B 88 -17.02 13.41 -15.52
CA THR B 88 -16.75 12.59 -16.69
C THR B 88 -18.03 11.96 -17.19
N GLY B 89 -18.91 11.62 -16.26
CA GLY B 89 -20.20 11.00 -16.58
C GLY B 89 -21.19 11.74 -17.46
N GLU B 90 -22.38 11.16 -17.59
CA GLU B 90 -23.38 11.55 -18.57
C GLU B 90 -24.01 12.92 -18.27
N LYS B 91 -24.38 13.14 -17.01
CA LYS B 91 -24.91 14.42 -16.56
C LYS B 91 -23.71 15.17 -16.08
N ARG B 92 -23.38 16.29 -16.73
CA ARG B 92 -22.27 17.10 -16.26
C ARG B 92 -22.77 18.03 -15.20
N LEU B 93 -21.94 18.21 -14.19
CA LEU B 93 -22.26 19.15 -13.13
C LEU B 93 -21.50 20.47 -13.25
N LEU B 94 -20.35 20.45 -13.91
CA LEU B 94 -19.51 21.63 -14.00
C LEU B 94 -19.64 22.23 -15.38
N HIS B 95 -20.30 23.38 -15.47
CA HIS B 95 -20.62 24.00 -16.76
C HIS B 95 -19.87 25.31 -17.02
N THR B 96 -19.64 25.62 -18.29
CA THR B 96 -19.06 26.90 -18.71
C THR B 96 -20.14 27.84 -19.25
N LEU B 97 -20.18 29.05 -18.70
CA LEU B 97 -21.04 30.13 -19.18
C LEU B 97 -20.16 31.10 -19.95
N ARG B 98 -20.02 30.84 -21.25
CA ARG B 98 -19.07 31.56 -22.10
C ARG B 98 -19.13 33.07 -21.87
N GLY B 99 -17.97 33.65 -21.58
CA GLY B 99 -17.85 35.08 -21.33
C GLY B 99 -18.33 35.53 -19.96
N VAL B 100 -18.71 34.58 -19.11
CA VAL B 100 -19.18 34.90 -17.76
C VAL B 100 -18.43 34.07 -16.74
N GLY B 101 -18.26 32.78 -17.02
CA GLY B 101 -17.49 31.92 -16.12
C GLY B 101 -17.92 30.47 -16.05
N TYR B 102 -17.94 29.92 -14.85
CA TYR B 102 -18.27 28.51 -14.64
C TYR B 102 -19.32 28.35 -13.55
N VAL B 103 -20.08 27.29 -13.62
CA VAL B 103 -21.00 27.00 -12.51
C VAL B 103 -21.15 25.50 -12.24
N LEU B 104 -21.21 25.15 -10.95
CA LEU B 104 -21.54 23.79 -10.53
C LEU B 104 -23.02 23.71 -10.28
N ARG B 105 -23.72 22.94 -11.11
CA ARG B 105 -25.15 22.78 -10.90
C ARG B 105 -25.62 21.55 -11.64
N GLU B 106 -26.83 21.10 -11.30
CA GLU B 106 -27.52 20.10 -12.09
C GLU B 106 -27.88 20.68 -13.47
N PRO B 107 -27.90 19.83 -14.52
CA PRO B 107 -28.38 20.30 -15.82
C PRO B 107 -29.89 20.14 -15.96
N ASN C 9 5.66 28.29 3.56
CA ASN C 9 4.52 28.28 2.60
C ASN C 9 3.94 26.86 2.51
N VAL C 10 2.85 26.63 3.27
CA VAL C 10 2.24 25.29 3.46
C VAL C 10 2.14 24.54 2.15
N ARG C 11 1.29 25.04 1.26
CA ARG C 11 1.31 24.70 -0.12
C ARG C 11 2.15 25.81 -0.75
N LEU C 12 3.06 25.41 -1.65
CA LEU C 12 3.83 26.33 -2.50
C LEU C 12 3.54 26.02 -3.97
N THR C 13 3.31 27.04 -4.78
CA THR C 13 2.91 26.79 -6.17
C THR C 13 3.49 27.78 -7.16
N PHE C 14 3.68 27.32 -8.38
CA PHE C 14 3.96 28.18 -9.53
C PHE C 14 3.29 27.51 -10.74
N ALA C 15 2.47 28.29 -11.46
CA ALA C 15 1.78 27.77 -12.64
C ALA C 15 1.03 26.54 -12.15
N ASP C 16 1.23 25.38 -12.79
CA ASP C 16 0.53 24.17 -12.37
C ASP C 16 1.44 23.19 -11.65
N ILE C 17 2.53 23.71 -11.03
CA ILE C 17 3.36 22.89 -10.15
C ILE C 17 2.97 23.18 -8.70
N GLU C 18 2.84 22.12 -7.89
CA GLU C 18 2.39 22.25 -6.47
C GLU C 18 3.29 21.43 -5.58
N LEU C 19 3.73 22.02 -4.47
CA LEU C 19 4.57 21.33 -3.48
C LEU C 19 3.97 21.47 -2.11
N ASP C 20 4.10 20.42 -1.32
CA ASP C 20 3.65 20.44 0.11
C ASP C 20 4.91 20.20 0.92
N GLU C 21 5.40 21.25 1.57
CA GLU C 21 6.62 21.17 2.39
C GLU C 21 6.53 20.24 3.62
N GLU C 22 5.33 19.99 4.16
CA GLU C 22 5.23 19.09 5.33
C GLU C 22 5.28 17.63 4.93
N THR C 23 4.63 17.28 3.83
CA THR C 23 4.62 15.89 3.37
C THR C 23 5.65 15.64 2.27
N HIS C 24 6.26 16.72 1.79
CA HIS C 24 7.12 16.66 0.60
C HIS C 24 6.39 16.07 -0.61
N GLU C 25 5.07 16.26 -0.64
CA GLU C 25 4.28 15.89 -1.78
C GLU C 25 4.40 16.96 -2.86
N VAL C 26 4.36 16.50 -4.11
CA VAL C 26 4.43 17.34 -5.31
C VAL C 26 3.39 16.89 -6.34
N TRP C 27 2.81 17.86 -7.06
CA TRP C 27 1.89 17.58 -8.17
C TRP C 27 2.26 18.46 -9.36
N LYS C 28 2.03 17.93 -10.55
CA LYS C 28 2.22 18.70 -11.78
C LYS C 28 0.96 18.46 -12.60
N ALA C 29 0.25 19.55 -12.91
CA ALA C 29 -0.97 19.49 -13.68
C ALA C 29 -1.95 18.60 -12.93
N GLY C 30 -1.95 18.69 -11.59
CA GLY C 30 -2.91 17.95 -10.77
C GLY C 30 -2.54 16.50 -10.49
N GLN C 31 -1.44 16.01 -11.06
CA GLN C 31 -1.06 14.58 -10.89
C GLN C 31 0.11 14.45 -9.96
N PRO C 32 0.08 13.43 -9.06
CA PRO C 32 1.18 13.31 -8.13
C PRO C 32 2.51 12.91 -8.79
N VAL C 33 3.58 13.40 -8.20
CA VAL C 33 4.94 13.20 -8.72
C VAL C 33 5.79 12.84 -7.52
N SER C 34 6.59 11.78 -7.63
CA SER C 34 7.45 11.31 -6.56
C SER C 34 8.82 11.84 -6.83
N LEU C 35 9.31 12.63 -5.88
CA LEU C 35 10.66 13.19 -5.91
C LEU C 35 11.53 12.72 -4.76
N SER C 36 12.84 12.51 -5.02
CA SER C 36 13.76 12.33 -3.87
C SER C 36 13.90 13.64 -3.09
N PRO C 37 14.44 13.56 -1.87
CA PRO C 37 14.70 14.80 -1.10
C PRO C 37 15.51 15.89 -1.84
N THR C 38 16.54 15.50 -2.57
CA THR C 38 17.33 16.49 -3.30
C THR C 38 16.50 17.09 -4.43
N GLU C 39 15.76 16.24 -5.13
CA GLU C 39 14.91 16.74 -6.21
C GLU C 39 13.88 17.73 -5.64
N PHE C 40 13.32 17.41 -4.45
CA PHE C 40 12.34 18.32 -3.84
C PHE C 40 12.98 19.66 -3.47
N THR C 41 14.13 19.60 -2.83
CA THR C 41 14.85 20.79 -2.44
C THR C 41 15.13 21.66 -3.69
N LEU C 42 15.58 21.01 -4.76
CA LEU C 42 15.90 21.69 -6.03
C LEU C 42 14.67 22.37 -6.64
N LEU C 43 13.56 21.63 -6.73
CA LEU C 43 12.33 22.17 -7.30
C LEU C 43 11.85 23.36 -6.43
N ARG C 44 11.93 23.20 -5.11
CA ARG C 44 11.53 24.25 -4.16
C ARG C 44 12.33 25.52 -4.41
N TYR C 45 13.65 25.36 -4.56
CA TYR C 45 14.54 26.46 -4.89
C TYR C 45 14.15 27.17 -6.19
N PHE C 46 13.86 26.43 -7.25
CA PHE C 46 13.35 27.05 -8.46
C PHE C 46 12.02 27.79 -8.22
N VAL C 47 11.09 27.16 -7.53
CA VAL C 47 9.75 27.74 -7.35
C VAL C 47 9.78 29.03 -6.52
N ILE C 48 10.58 29.04 -5.46
CA ILE C 48 10.64 30.23 -4.60
C ILE C 48 11.32 31.36 -5.36
N ASN C 49 12.15 30.98 -6.32
CA ASN C 49 12.88 31.93 -7.14
C ASN C 49 12.31 32.00 -8.57
N ALA C 50 11.02 31.74 -8.72
CA ALA C 50 10.41 31.69 -10.06
C ALA C 50 10.68 32.98 -10.84
N GLY C 51 11.15 32.83 -12.08
CA GLY C 51 11.44 33.96 -12.97
C GLY C 51 12.87 34.49 -12.90
N THR C 52 13.62 34.01 -11.90
CA THR C 52 15.00 34.45 -11.67
C THR C 52 15.96 33.47 -12.29
N VAL C 53 16.94 33.95 -13.03
CA VAL C 53 17.94 33.07 -13.63
C VAL C 53 18.99 32.65 -12.60
N LEU C 54 19.14 31.34 -12.44
CA LEU C 54 19.97 30.77 -11.37
C LEU C 54 21.16 30.00 -11.94
N SER C 55 22.36 30.47 -11.60
CA SER C 55 23.60 29.84 -12.05
C SER C 55 23.81 28.52 -11.33
N LYS C 56 24.70 27.69 -11.89
CA LYS C 56 24.97 26.39 -11.30
C LYS C 56 25.61 26.46 -9.91
N PRO C 57 26.67 27.29 -9.74
CA PRO C 57 27.27 27.47 -8.41
C PRO C 57 26.26 27.96 -7.37
N LYS C 58 25.31 28.81 -7.78
CA LYS C 58 24.28 29.29 -6.88
C LYS C 58 23.36 28.16 -6.44
N ILE C 59 22.98 27.30 -7.39
CA ILE C 59 22.11 26.17 -7.12
C ILE C 59 22.85 25.17 -6.25
N LEU C 60 24.09 24.88 -6.61
CA LEU C 60 24.97 24.03 -5.81
C LEU C 60 25.07 24.48 -4.33
N ASP C 61 25.23 25.78 -4.12
CA ASP C 61 25.36 26.36 -2.78
C ASP C 61 24.14 26.13 -1.90
N HIS C 62 22.97 26.19 -2.51
CA HIS C 62 21.69 26.26 -1.78
C HIS C 62 20.99 24.92 -1.62
N VAL C 63 21.26 24.00 -2.54
CA VAL C 63 20.57 22.72 -2.55
C VAL C 63 21.42 21.62 -1.91
N TRP C 64 22.74 21.76 -2.01
CA TRP C 64 23.69 20.84 -1.37
C TRP C 64 24.50 21.64 -0.35
N VAL C 72 29.31 20.78 -10.02
CA VAL C 72 28.52 21.38 -11.11
C VAL C 72 27.76 20.30 -11.87
N ASN C 73 28.41 19.16 -12.06
CA ASN C 73 27.82 18.06 -12.81
C ASN C 73 26.60 17.46 -12.07
N VAL C 74 26.65 17.47 -10.74
CA VAL C 74 25.50 17.02 -9.98
C VAL C 74 24.29 17.91 -10.24
N VAL C 75 24.51 19.22 -10.40
CA VAL C 75 23.39 20.16 -10.72
C VAL C 75 22.75 19.80 -12.06
N GLU C 76 23.59 19.59 -13.07
CA GLU C 76 23.11 19.21 -14.39
C GLU C 76 22.32 17.92 -14.35
N SER C 77 22.84 16.95 -13.57
CA SER C 77 22.18 15.65 -13.43
C SER C 77 20.82 15.80 -12.86
N TYR C 78 20.73 16.53 -11.74
CA TYR C 78 19.45 16.67 -11.05
C TYR C 78 18.48 17.58 -11.79
N VAL C 79 18.96 18.58 -12.50
CA VAL C 79 18.05 19.37 -13.35
C VAL C 79 17.41 18.43 -14.36
N SER C 80 18.22 17.53 -14.91
CA SER C 80 17.77 16.57 -15.90
C SER C 80 16.73 15.62 -15.29
N TYR C 81 17.05 15.08 -14.11
CA TYR C 81 16.10 14.17 -13.42
C TYR C 81 14.79 14.86 -13.14
N LEU C 82 14.86 16.09 -12.65
CA LEU C 82 13.68 16.88 -12.32
C LEU C 82 12.85 17.16 -13.57
N ARG C 83 13.52 17.58 -14.65
CA ARG C 83 12.82 17.81 -15.94
C ARG C 83 12.04 16.59 -16.39
N ARG C 84 12.66 15.40 -16.25
CA ARG C 84 11.98 14.17 -16.65
C ARG C 84 10.74 13.86 -15.86
N LYS C 85 10.69 14.29 -14.60
CA LYS C 85 9.53 13.97 -13.78
C LYS C 85 8.46 15.03 -13.82
N ILE C 86 8.87 16.27 -14.05
CA ILE C 86 7.92 17.40 -13.87
C ILE C 86 7.74 18.29 -15.11
N ASP C 87 8.55 18.09 -16.16
CA ASP C 87 8.50 19.05 -17.28
C ASP C 87 8.56 18.42 -18.68
N THR C 88 7.59 17.58 -19.08
CA THR C 88 7.71 16.92 -20.40
C THR C 88 6.48 17.19 -21.24
N GLY C 89 5.58 18.04 -20.74
CA GLY C 89 4.40 18.51 -21.47
C GLY C 89 4.62 19.48 -22.62
N GLU C 90 3.52 19.97 -23.20
CA GLU C 90 3.60 20.88 -24.35
C GLU C 90 4.31 22.18 -24.00
N LYS C 91 3.96 22.75 -22.87
CA LYS C 91 4.54 24.01 -22.38
C LYS C 91 5.58 23.71 -21.32
N ARG C 92 6.82 24.09 -21.57
CA ARG C 92 7.92 23.77 -20.67
C ARG C 92 8.19 24.91 -19.72
N LEU C 93 8.39 24.56 -18.45
CA LEU C 93 8.58 25.57 -17.42
C LEU C 93 10.03 25.70 -16.95
N LEU C 94 10.84 24.65 -17.16
CA LEU C 94 12.24 24.73 -16.73
C LEU C 94 13.20 24.88 -17.89
N HIS C 95 13.86 26.03 -17.99
CA HIS C 95 14.59 26.39 -19.19
C HIS C 95 16.08 26.53 -18.95
N THR C 96 16.86 26.27 -19.99
CA THR C 96 18.29 26.50 -19.95
C THR C 96 18.63 27.73 -20.79
N LEU C 97 19.48 28.57 -20.22
CA LEU C 97 20.15 29.60 -21.00
C LEU C 97 21.63 29.53 -20.69
N ARG C 98 22.38 29.07 -21.70
CA ARG C 98 23.79 28.72 -21.57
C ARG C 98 24.67 29.84 -21.01
N GLY C 99 25.64 29.43 -20.19
CA GLY C 99 26.61 30.35 -19.61
C GLY C 99 26.06 31.28 -18.55
N VAL C 100 24.76 31.16 -18.28
CA VAL C 100 24.15 31.89 -17.17
C VAL C 100 23.47 30.95 -16.17
N GLY C 101 22.80 29.90 -16.64
CA GLY C 101 22.18 28.92 -15.75
C GLY C 101 20.78 28.45 -16.13
N TYR C 102 19.90 28.31 -15.14
CA TYR C 102 18.56 27.76 -15.35
C TYR C 102 17.51 28.70 -14.81
N VAL C 103 16.31 28.62 -15.37
CA VAL C 103 15.21 29.46 -14.93
C VAL C 103 13.86 28.75 -15.05
N LEU C 104 13.07 28.88 -14.00
CA LEU C 104 11.70 28.41 -13.98
C LEU C 104 10.78 29.57 -14.40
N ARG C 105 10.12 29.42 -15.53
CA ARG C 105 9.26 30.46 -16.08
CA ARG C 105 9.24 30.43 -16.06
C ARG C 105 8.29 29.94 -17.13
N GLU C 106 7.16 30.61 -17.33
CA GLU C 106 6.22 30.18 -18.38
C GLU C 106 6.79 30.67 -19.72
N PRO C 107 6.58 29.93 -20.83
CA PRO C 107 7.00 30.45 -22.13
C PRO C 107 6.27 31.73 -22.48
N VAL D 10 19.93 14.31 9.16
CA VAL D 10 19.34 13.00 8.74
C VAL D 10 19.68 12.66 7.28
N ARG D 11 19.96 13.68 6.46
CA ARG D 11 20.17 13.52 5.02
C ARG D 11 21.68 13.33 4.69
N LEU D 12 22.01 12.21 4.04
CA LEU D 12 23.38 11.87 3.63
C LEU D 12 23.38 11.64 2.12
N THR D 13 24.21 12.36 1.38
CA THR D 13 24.21 12.19 -0.07
C THR D 13 25.63 12.10 -0.61
N PHE D 14 25.78 11.36 -1.71
CA PHE D 14 27.05 11.37 -2.46
C PHE D 14 26.64 11.30 -3.91
N ALA D 15 27.03 12.30 -4.72
CA ALA D 15 26.67 12.31 -6.15
C ALA D 15 25.15 12.22 -6.17
N ASP D 16 24.56 11.23 -6.86
CA ASP D 16 23.06 11.08 -6.90
C ASP D 16 22.58 9.89 -6.09
N ILE D 17 23.34 9.53 -5.06
CA ILE D 17 22.86 8.58 -4.04
C ILE D 17 22.41 9.37 -2.83
N GLU D 18 21.22 9.07 -2.32
CA GLU D 18 20.66 9.83 -1.16
C GLU D 18 20.22 8.83 -0.11
N LEU D 19 20.58 9.04 1.15
CA LEU D 19 20.16 8.13 2.22
C LEU D 19 19.47 9.00 3.26
N ASP D 20 18.40 8.47 3.84
CA ASP D 20 17.80 9.13 4.99
C ASP D 20 18.23 8.31 6.20
N GLU D 21 19.05 8.91 7.06
CA GLU D 21 19.58 8.19 8.20
C GLU D 21 18.50 7.82 9.23
N GLU D 22 17.35 8.49 9.16
CA GLU D 22 16.25 8.26 10.12
C GLU D 22 15.37 7.10 9.65
N THR D 23 14.94 7.15 8.39
CA THR D 23 13.95 6.23 7.89
C THR D 23 14.61 5.05 7.16
N HIS D 24 15.90 5.20 6.84
CA HIS D 24 16.68 4.22 6.05
C HIS D 24 16.20 4.14 4.59
N GLU D 25 15.51 5.18 4.16
CA GLU D 25 15.11 5.29 2.77
C GLU D 25 16.35 5.59 1.91
N VAL D 26 16.39 5.07 0.68
CA VAL D 26 17.53 5.27 -0.20
C VAL D 26 16.96 5.65 -1.60
N TRP D 27 17.68 6.54 -2.26
CA TRP D 27 17.35 6.92 -3.68
C TRP D 27 18.64 6.87 -4.50
N LYS D 28 18.50 6.54 -5.78
CA LYS D 28 19.60 6.63 -6.71
C LYS D 28 18.99 7.28 -7.94
N ALA D 29 19.60 8.39 -8.38
CA ALA D 29 19.19 9.11 -9.57
C ALA D 29 17.72 9.54 -9.39
N GLY D 30 17.41 9.85 -8.14
CA GLY D 30 16.05 10.37 -7.87
C GLY D 30 14.99 9.31 -7.66
N GLN D 31 15.35 8.03 -7.82
CA GLN D 31 14.34 6.95 -7.77
C GLN D 31 14.52 6.12 -6.49
N PRO D 32 13.43 5.69 -5.84
CA PRO D 32 13.63 4.88 -4.59
C PRO D 32 14.27 3.54 -4.89
N VAL D 33 15.10 3.10 -3.97
CA VAL D 33 15.72 1.80 -4.07
C VAL D 33 15.51 1.09 -2.70
N SER D 34 15.06 -0.16 -2.77
CA SER D 34 14.84 -1.02 -1.59
CA SER D 34 14.83 -1.00 -1.60
C SER D 34 16.08 -1.83 -1.28
N LEU D 35 16.62 -1.66 -0.06
CA LEU D 35 17.84 -2.37 0.39
C LEU D 35 17.51 -3.16 1.66
N SER D 36 18.22 -4.26 1.87
CA SER D 36 18.08 -5.03 3.13
C SER D 36 18.84 -4.25 4.19
N PRO D 37 18.61 -4.57 5.48
CA PRO D 37 19.34 -3.86 6.53
C PRO D 37 20.85 -3.94 6.34
N THR D 38 21.38 -5.10 5.98
CA THR D 38 22.84 -5.18 5.77
C THR D 38 23.32 -4.38 4.57
N GLU D 39 22.55 -4.39 3.48
CA GLU D 39 22.87 -3.55 2.34
C GLU D 39 22.86 -2.07 2.70
N PHE D 40 21.89 -1.64 3.50
CA PHE D 40 21.86 -0.23 3.93
C PHE D 40 23.09 0.12 4.77
N THR D 41 23.45 -0.74 5.70
CA THR D 41 24.64 -0.46 6.53
C THR D 41 25.92 -0.34 5.70
N LEU D 42 26.07 -1.27 4.75
CA LEU D 42 27.22 -1.27 3.82
C LEU D 42 27.22 0.02 3.00
N LEU D 43 26.06 0.39 2.43
CA LEU D 43 26.04 1.59 1.64
C LEU D 43 26.36 2.80 2.50
N ARG D 44 25.76 2.90 3.66
CA ARG D 44 26.07 4.05 4.53
C ARG D 44 27.58 4.16 4.84
N TYR D 45 28.18 3.02 5.14
CA TYR D 45 29.63 2.98 5.41
C TYR D 45 30.43 3.56 4.24
N PHE D 46 30.08 3.19 3.00
CA PHE D 46 30.71 3.74 1.83
C PHE D 46 30.50 5.25 1.73
N VAL D 47 29.26 5.70 1.93
CA VAL D 47 28.92 7.10 1.71
C VAL D 47 29.60 7.96 2.78
N ILE D 48 29.65 7.54 4.06
CA ILE D 48 30.28 8.37 5.09
C ILE D 48 31.81 8.39 4.89
N ASN D 49 32.29 7.43 4.13
CA ASN D 49 33.73 7.34 3.80
C ASN D 49 33.96 7.54 2.31
N ALA D 50 33.15 8.40 1.70
CA ALA D 50 33.27 8.59 0.24
C ALA D 50 34.69 9.05 -0.09
N GLY D 51 35.28 8.46 -1.14
CA GLY D 51 36.61 8.82 -1.60
C GLY D 51 37.74 8.10 -0.83
N THR D 52 37.38 7.41 0.25
CA THR D 52 38.35 6.67 1.09
C THR D 52 38.33 5.21 0.68
N VAL D 53 39.53 4.66 0.45
CA VAL D 53 39.59 3.26 0.06
C VAL D 53 39.36 2.39 1.29
N LEU D 54 38.47 1.42 1.17
CA LEU D 54 38.11 0.56 2.30
C LEU D 54 38.44 -0.88 1.94
N SER D 55 39.29 -1.49 2.74
CA SER D 55 39.77 -2.85 2.45
C SER D 55 38.67 -3.87 2.75
N LYS D 56 38.74 -5.07 2.18
CA LYS D 56 37.73 -6.09 2.54
C LYS D 56 37.72 -6.43 4.07
N PRO D 57 38.91 -6.63 4.68
CA PRO D 57 38.89 -6.94 6.14
C PRO D 57 38.28 -5.81 6.94
N LYS D 58 38.53 -4.56 6.55
CA LYS D 58 37.90 -3.41 7.25
C LYS D 58 36.38 -3.39 7.16
N ILE D 59 35.84 -3.63 5.97
CA ILE D 59 34.42 -3.64 5.76
C ILE D 59 33.83 -4.82 6.51
N LEU D 60 34.51 -5.96 6.44
CA LEU D 60 34.00 -7.16 7.09
C LEU D 60 33.84 -6.89 8.58
N ASP D 61 34.89 -6.36 9.19
CA ASP D 61 34.85 -6.22 10.66
C ASP D 61 33.92 -5.03 11.03
N HIS D 62 33.75 -4.05 10.13
CA HIS D 62 32.80 -2.97 10.40
C HIS D 62 31.34 -3.43 10.34
N VAL D 63 30.97 -4.04 9.23
CA VAL D 63 29.56 -4.37 8.98
C VAL D 63 29.17 -5.64 9.70
N TRP D 64 30.06 -6.62 9.68
CA TRP D 64 29.84 -7.91 10.39
C TRP D 64 30.84 -7.97 11.53
N ARG D 65 31.76 -8.94 11.54
CA ARG D 65 32.88 -9.00 12.48
C ARG D 65 33.96 -9.81 11.81
N TYR D 66 35.19 -9.69 12.27
CA TYR D 66 36.35 -10.30 11.60
C TYR D 66 36.25 -11.81 11.41
N ASP D 67 35.51 -12.49 12.29
CA ASP D 67 35.43 -13.95 12.25
C ASP D 67 34.15 -14.48 11.59
N PHE D 68 33.55 -13.71 10.69
CA PHE D 68 32.38 -14.21 9.98
C PHE D 68 32.69 -15.55 9.26
N GLY D 69 33.78 -15.60 8.48
CA GLY D 69 34.29 -16.85 7.90
C GLY D 69 33.41 -17.45 6.81
N VAL D 72 36.17 -13.20 3.49
CA VAL D 72 35.60 -11.92 2.98
C VAL D 72 34.70 -12.17 1.75
N ASN D 73 34.23 -13.41 1.61
CA ASN D 73 33.32 -13.74 0.52
C ASN D 73 32.03 -13.03 0.78
N VAL D 74 31.64 -12.87 2.05
CA VAL D 74 30.38 -12.11 2.27
C VAL D 74 30.48 -10.64 1.84
N VAL D 75 31.65 -10.07 1.96
CA VAL D 75 31.87 -8.66 1.52
C VAL D 75 31.73 -8.59 0.03
N GLU D 76 32.43 -9.47 -0.69
CA GLU D 76 32.29 -9.51 -2.15
C GLU D 76 30.83 -9.73 -2.61
N SER D 77 30.14 -10.66 -1.96
CA SER D 77 28.72 -10.90 -2.26
C SER D 77 27.88 -9.64 -2.08
N TYR D 78 28.02 -8.98 -0.94
CA TYR D 78 27.12 -7.85 -0.64
C TYR D 78 27.46 -6.63 -1.48
N VAL D 79 28.74 -6.47 -1.83
CA VAL D 79 29.11 -5.43 -2.82
C VAL D 79 28.42 -5.67 -4.14
N SER D 80 28.37 -6.93 -4.57
CA SER D 80 27.68 -7.32 -5.81
C SER D 80 26.21 -6.96 -5.69
N TYR D 81 25.58 -7.33 -4.58
CA TYR D 81 24.15 -7.12 -4.42
C TYR D 81 23.91 -5.63 -4.48
N LEU D 82 24.73 -4.86 -3.74
CA LEU D 82 24.54 -3.42 -3.64
C LEU D 82 24.75 -2.76 -5.01
N ARG D 83 25.78 -3.18 -5.74
CA ARG D 83 26.00 -2.61 -7.09
C ARG D 83 24.81 -2.85 -7.98
N ARG D 84 24.18 -4.03 -7.89
CA ARG D 84 23.04 -4.36 -8.78
C ARG D 84 21.83 -3.50 -8.46
N LYS D 85 21.71 -3.10 -7.19
CA LYS D 85 20.63 -2.22 -6.77
C LYS D 85 20.91 -0.76 -7.04
N ILE D 86 22.15 -0.31 -6.78
CA ILE D 86 22.47 1.11 -6.57
C ILE D 86 23.42 1.67 -7.65
N ASP D 87 24.18 0.82 -8.34
CA ASP D 87 25.28 1.33 -9.19
C ASP D 87 24.99 0.99 -10.60
N THR D 88 23.85 1.58 -11.02
CA THR D 88 23.21 1.32 -12.27
C THR D 88 23.34 2.47 -13.26
N GLY D 89 23.95 3.58 -12.84
CA GLY D 89 24.09 4.73 -13.76
C GLY D 89 25.12 4.54 -14.85
N GLU D 90 25.08 5.38 -15.88
CA GLU D 90 26.06 5.31 -16.93
C GLU D 90 27.45 5.45 -16.34
N LYS D 91 27.55 6.22 -15.26
CA LYS D 91 28.85 6.43 -14.61
C LYS D 91 28.80 5.62 -13.33
N ARG D 92 29.74 4.69 -13.19
CA ARG D 92 29.71 3.86 -11.99
C ARG D 92 30.39 4.63 -10.85
N LEU D 93 29.89 4.44 -9.63
CA LEU D 93 30.45 5.10 -8.45
C LEU D 93 31.17 4.14 -7.51
N LEU D 94 30.87 2.85 -7.55
CA LEU D 94 31.43 1.87 -6.57
C LEU D 94 32.52 1.04 -7.24
N HIS D 95 33.79 1.34 -6.92
CA HIS D 95 34.89 0.85 -7.72
C HIS D 95 35.72 -0.16 -6.96
N THR D 96 36.17 -1.19 -7.68
CA THR D 96 37.08 -2.17 -7.15
C THR D 96 38.51 -1.74 -7.41
N LEU D 97 39.31 -1.80 -6.34
CA LEU D 97 40.75 -1.58 -6.47
C LEU D 97 41.46 -2.89 -6.10
N ARG D 98 41.91 -3.60 -7.13
CA ARG D 98 42.41 -4.98 -6.96
C ARG D 98 43.51 -5.01 -5.88
N GLY D 99 43.41 -5.97 -4.96
CA GLY D 99 44.37 -6.14 -3.87
C GLY D 99 44.29 -5.12 -2.74
N VAL D 100 43.46 -4.11 -2.94
CA VAL D 100 43.36 -3.00 -2.04
C VAL D 100 41.97 -2.88 -1.38
N GLY D 101 40.88 -3.06 -2.13
CA GLY D 101 39.53 -2.86 -1.54
C GLY D 101 38.62 -2.22 -2.54
N TYR D 102 37.75 -1.36 -2.01
CA TYR D 102 36.70 -0.74 -2.78
C TYR D 102 36.67 0.76 -2.41
N VAL D 103 36.20 1.59 -3.33
CA VAL D 103 36.07 3.01 -3.02
C VAL D 103 34.81 3.52 -3.71
N LEU D 104 34.06 4.34 -2.99
CA LEU D 104 32.94 5.12 -3.60
C LEU D 104 33.48 6.46 -4.08
N ARG D 105 33.42 6.74 -5.38
CA ARG D 105 33.96 7.98 -5.95
C ARG D 105 33.31 8.23 -7.33
N GLU D 106 33.37 9.46 -7.83
CA GLU D 106 32.81 9.82 -9.15
C GLU D 106 33.92 9.61 -10.17
N PRO D 107 33.61 9.04 -11.34
CA PRO D 107 34.71 8.73 -12.26
C PRO D 107 35.35 9.99 -12.83
N LYS E 5 14.07 2.55 25.34
CA LYS E 5 12.94 2.08 24.46
C LYS E 5 13.35 1.42 23.12
N GLU E 6 14.51 1.77 22.56
CA GLU E 6 14.96 1.15 21.29
C GLU E 6 16.49 1.05 20.97
N PRO E 7 17.37 1.12 22.01
CA PRO E 7 18.76 0.66 21.77
C PRO E 7 18.76 -0.87 21.64
N ARG E 8 18.57 -1.37 20.42
CA ARG E 8 18.18 -2.78 20.17
C ARG E 8 18.74 -3.39 18.88
N ASN E 9 19.14 -4.67 18.94
CA ASN E 9 19.42 -5.42 17.71
C ASN E 9 18.66 -6.74 17.78
N VAL E 10 17.68 -6.91 16.93
CA VAL E 10 16.95 -8.16 16.93
C VAL E 10 17.04 -8.90 15.62
N ARG E 11 18.22 -8.89 15.00
CA ARG E 11 18.40 -9.48 13.71
C ARG E 11 19.28 -10.70 13.84
N LEU E 12 19.00 -11.72 13.04
CA LEU E 12 19.88 -12.90 12.98
C LEU E 12 20.39 -12.98 11.56
N THR E 13 21.58 -13.53 11.39
CA THR E 13 22.17 -13.62 10.06
C THR E 13 22.77 -15.00 9.85
N PHE E 14 22.66 -15.53 8.64
CA PHE E 14 23.55 -16.64 8.26
C PHE E 14 23.89 -16.39 6.79
N ALA E 15 25.17 -16.29 6.47
CA ALA E 15 25.63 -16.10 5.09
C ALA E 15 24.90 -14.88 4.55
N ASP E 16 24.10 -15.03 3.48
CA ASP E 16 23.35 -13.87 2.94
C ASP E 16 21.88 -13.92 3.27
N ILE E 17 21.55 -14.55 4.41
CA ILE E 17 20.16 -14.58 4.85
C ILE E 17 20.13 -13.67 6.06
N GLU E 18 19.08 -12.82 6.13
CA GLU E 18 18.93 -11.87 7.20
C GLU E 18 17.48 -12.03 7.70
N LEU E 19 17.33 -12.13 9.02
CA LEU E 19 15.98 -12.21 9.58
C LEU E 19 15.81 -11.16 10.64
N ASP E 20 14.61 -10.59 10.79
CA ASP E 20 14.33 -9.63 11.85
C ASP E 20 13.33 -10.32 12.74
N GLU E 21 13.69 -10.61 13.99
CA GLU E 21 12.79 -11.34 14.92
C GLU E 21 11.54 -10.58 15.36
N GLU E 22 11.61 -9.26 15.31
CA GLU E 22 10.45 -8.43 15.63
C GLU E 22 9.41 -8.41 14.53
N THR E 23 9.86 -8.11 13.33
CA THR E 23 8.91 -7.88 12.20
C THR E 23 8.67 -9.14 11.38
N HIS E 24 9.53 -10.14 11.58
CA HIS E 24 9.51 -11.37 10.79
C HIS E 24 9.85 -11.12 9.31
N GLU E 25 10.39 -9.94 9.01
CA GLU E 25 10.94 -9.74 7.67
C GLU E 25 12.14 -10.64 7.47
N VAL E 26 12.34 -11.04 6.23
CA VAL E 26 13.51 -11.83 5.86
C VAL E 26 14.03 -11.35 4.53
N TRP E 27 15.35 -11.43 4.35
CA TRP E 27 15.98 -11.08 3.06
C TRP E 27 16.91 -12.21 2.72
N LYS E 28 16.98 -12.52 1.43
CA LYS E 28 17.98 -13.47 0.93
C LYS E 28 18.69 -12.74 -0.16
N ALA E 29 20.04 -12.70 -0.08
CA ALA E 29 20.84 -11.96 -1.06
C ALA E 29 20.29 -10.52 -1.29
N GLY E 30 19.83 -9.89 -0.20
CA GLY E 30 19.41 -8.51 -0.22
C GLY E 30 17.95 -8.33 -0.62
N GLN E 31 17.31 -9.41 -1.08
CA GLN E 31 15.92 -9.30 -1.62
C GLN E 31 14.89 -9.81 -0.60
N PRO E 32 13.76 -9.11 -0.47
CA PRO E 32 12.83 -9.53 0.57
C PRO E 32 12.18 -10.87 0.23
N VAL E 33 11.95 -11.62 1.29
CA VAL E 33 11.25 -12.91 1.24
C VAL E 33 10.12 -12.88 2.25
N SER E 34 8.92 -13.26 1.79
CA SER E 34 7.77 -13.36 2.67
CA SER E 34 7.77 -13.35 2.67
C SER E 34 7.59 -14.79 3.18
N LEU E 35 7.71 -14.97 4.50
CA LEU E 35 7.52 -16.29 5.15
C LEU E 35 6.32 -16.27 6.03
N SER E 36 5.61 -17.44 6.12
CA SER E 36 4.53 -17.58 7.11
C SER E 36 5.22 -17.77 8.48
N PRO E 37 4.49 -17.63 9.60
CA PRO E 37 5.11 -17.81 10.92
C PRO E 37 5.81 -19.15 11.12
N THR E 38 5.20 -20.24 10.62
CA THR E 38 5.83 -21.53 10.71
C THR E 38 7.15 -21.57 9.87
N GLU E 39 7.11 -21.11 8.61
CA GLU E 39 8.33 -21.00 7.79
C GLU E 39 9.37 -20.16 8.50
N PHE E 40 8.93 -19.07 9.12
CA PHE E 40 9.93 -18.20 9.84
C PHE E 40 10.58 -18.96 10.98
N THR E 41 9.77 -19.67 11.77
CA THR E 41 10.24 -20.41 12.96
C THR E 41 11.18 -21.49 12.49
N LEU E 42 10.82 -22.12 11.39
CA LEU E 42 11.71 -23.17 10.84
C LEU E 42 13.05 -22.60 10.38
N LEU E 43 13.01 -21.51 9.62
CA LEU E 43 14.29 -20.86 9.21
C LEU E 43 15.14 -20.47 10.39
N ARG E 44 14.50 -19.85 11.39
CA ARG E 44 15.19 -19.46 12.61
C ARG E 44 15.87 -20.64 13.29
N TYR E 45 15.17 -21.76 13.35
CA TYR E 45 15.68 -22.97 13.95
C TYR E 45 16.92 -23.48 13.17
N PHE E 46 16.84 -23.51 11.84
CA PHE E 46 18.05 -23.88 11.04
C PHE E 46 19.19 -22.89 11.26
N VAL E 47 18.88 -21.61 11.29
CA VAL E 47 19.93 -20.58 11.39
C VAL E 47 20.65 -20.71 12.74
N ILE E 48 19.86 -20.76 13.82
CA ILE E 48 20.42 -20.89 15.17
C ILE E 48 21.23 -22.15 15.25
N ASN E 49 20.82 -23.18 14.48
CA ASN E 49 21.54 -24.45 14.46
C ASN E 49 22.34 -24.77 13.18
N ALA E 50 22.85 -23.73 12.53
CA ALA E 50 23.57 -23.88 11.27
C ALA E 50 24.76 -24.81 11.38
N GLY E 51 24.91 -25.68 10.39
CA GLY E 51 25.98 -26.65 10.33
C GLY E 51 25.64 -27.96 11.05
N THR E 52 24.55 -27.96 11.82
CA THR E 52 24.11 -29.16 12.52
C THR E 52 23.10 -29.92 11.68
N VAL E 53 23.26 -31.25 11.57
CA VAL E 53 22.26 -32.06 10.88
C VAL E 53 21.06 -32.36 11.79
N LEU E 54 19.87 -31.95 11.36
CA LEU E 54 18.67 -32.02 12.19
C LEU E 54 17.66 -33.00 11.60
N SER E 55 17.34 -34.03 12.38
CA SER E 55 16.36 -35.03 11.95
C SER E 55 14.97 -34.41 11.90
N LYS E 56 14.04 -35.09 11.25
CA LYS E 56 12.68 -34.61 11.23
C LYS E 56 12.02 -34.57 12.64
N PRO E 57 12.19 -35.63 13.48
CA PRO E 57 11.78 -35.53 14.90
C PRO E 57 12.15 -34.25 15.70
N LYS E 58 13.42 -33.80 15.68
CA LYS E 58 13.84 -32.58 16.41
C LYS E 58 13.13 -31.34 15.89
N ILE E 59 13.05 -31.25 14.57
CA ILE E 59 12.46 -30.09 13.97
C ILE E 59 11.00 -29.98 14.38
N LEU E 60 10.30 -31.10 14.29
CA LEU E 60 8.90 -31.17 14.66
C LEU E 60 8.74 -30.67 16.09
N ASP E 61 9.51 -31.27 17.01
CA ASP E 61 9.51 -30.92 18.43
C ASP E 61 9.74 -29.41 18.68
N HIS E 62 10.55 -28.76 17.85
CA HIS E 62 10.95 -27.39 18.10
C HIS E 62 10.19 -26.33 17.38
N VAL E 63 9.67 -26.65 16.22
CA VAL E 63 9.09 -25.63 15.33
C VAL E 63 7.57 -25.45 15.60
N TRP E 64 6.95 -26.45 16.20
CA TRP E 64 5.53 -26.38 16.59
C TRP E 64 5.40 -26.78 18.03
N ARG E 65 4.28 -26.43 18.66
CA ARG E 65 3.97 -26.93 20.01
C ARG E 65 3.74 -28.44 19.97
N TYR E 66 4.09 -29.14 21.05
CA TYR E 66 3.85 -30.57 21.08
C TYR E 66 2.38 -30.91 20.72
N ASP E 67 1.46 -30.03 21.12
CA ASP E 67 0.01 -30.25 20.96
C ASP E 67 -0.45 -30.00 19.49
N PHE E 68 0.51 -29.68 18.62
CA PHE E 68 0.25 -29.58 17.17
C PHE E 68 0.02 -30.98 16.51
N GLY E 69 -0.08 -31.00 15.17
CA GLY E 69 -0.10 -32.27 14.40
C GLY E 69 1.30 -32.83 14.18
N GLY E 70 1.59 -33.90 14.93
CA GLY E 70 2.94 -34.46 15.08
C GLY E 70 3.32 -35.51 14.05
N ASP E 71 3.48 -35.04 12.81
CA ASP E 71 3.74 -35.90 11.68
C ASP E 71 5.01 -35.37 11.01
N VAL E 72 5.97 -36.26 10.76
CA VAL E 72 7.20 -35.85 10.06
C VAL E 72 6.90 -35.46 8.60
N ASN E 73 5.74 -35.90 8.09
CA ASN E 73 5.32 -35.42 6.77
C ASN E 73 5.04 -33.90 6.69
N VAL E 74 4.53 -33.31 7.76
CA VAL E 74 4.36 -31.83 7.82
C VAL E 74 5.71 -31.13 7.78
N VAL E 75 6.70 -31.70 8.45
CA VAL E 75 8.03 -31.11 8.41
C VAL E 75 8.57 -31.08 7.01
N GLU E 76 8.49 -32.21 6.33
CA GLU E 76 8.91 -32.32 4.96
C GLU E 76 8.23 -31.27 4.07
N SER E 77 6.90 -31.16 4.19
CA SER E 77 6.16 -30.11 3.46
C SER E 77 6.73 -28.73 3.73
N TYR E 78 6.92 -28.40 5.01
CA TYR E 78 7.34 -27.05 5.31
C TYR E 78 8.79 -26.79 4.90
N VAL E 79 9.61 -27.82 4.92
CA VAL E 79 10.99 -27.60 4.49
C VAL E 79 10.97 -27.32 2.98
N SER E 80 10.12 -28.05 2.26
CA SER E 80 9.87 -27.79 0.83
C SER E 80 9.42 -26.34 0.61
N TYR E 81 8.42 -25.86 1.38
CA TYR E 81 7.91 -24.51 1.16
C TYR E 81 8.98 -23.47 1.41
N LEU E 82 9.72 -23.68 2.49
CA LEU E 82 10.83 -22.78 2.84
C LEU E 82 11.95 -22.78 1.77
N ARG E 83 12.34 -23.95 1.28
CA ARG E 83 13.41 -24.00 0.30
C ARG E 83 13.04 -23.22 -0.97
N ARG E 84 11.77 -23.32 -1.34
CA ARG E 84 11.29 -22.70 -2.58
C ARG E 84 11.41 -21.18 -2.48
N LYS E 85 11.26 -20.68 -1.28
CA LYS E 85 11.29 -19.26 -1.04
C LYS E 85 12.65 -18.69 -0.72
N ILE E 86 13.50 -19.47 -0.03
CA ILE E 86 14.75 -18.91 0.48
C ILE E 86 16.00 -19.49 -0.20
N ASP E 87 15.86 -20.60 -0.92
CA ASP E 87 17.04 -21.37 -1.35
C ASP E 87 16.98 -21.79 -2.81
N THR E 88 16.75 -20.80 -3.67
CA THR E 88 16.56 -21.06 -5.10
C THR E 88 17.80 -20.72 -5.91
N GLY E 89 18.69 -19.94 -5.31
CA GLY E 89 20.04 -19.67 -5.88
C GLY E 89 20.85 -20.89 -6.32
N GLU E 90 21.98 -20.63 -6.98
CA GLU E 90 22.80 -21.69 -7.58
C GLU E 90 23.51 -22.46 -6.47
N LYS E 91 23.87 -21.73 -5.43
CA LYS E 91 24.60 -22.25 -4.29
C LYS E 91 23.57 -22.51 -3.21
N ARG E 92 23.20 -23.78 -3.04
CA ARG E 92 22.16 -24.17 -2.06
C ARG E 92 22.70 -24.17 -0.63
N LEU E 93 21.95 -23.59 0.29
CA LEU E 93 22.31 -23.61 1.71
C LEU E 93 21.57 -24.65 2.53
N LEU E 94 20.37 -25.05 2.08
CA LEU E 94 19.58 -26.00 2.83
C LEU E 94 19.64 -27.36 2.17
N HIS E 95 20.30 -28.30 2.84
CA HIS E 95 20.58 -29.62 2.26
C HIS E 95 19.86 -30.77 2.97
N THR E 96 19.59 -31.83 2.22
CA THR E 96 19.01 -33.05 2.78
C THR E 96 20.06 -34.14 2.94
N LEU E 97 20.14 -34.68 4.15
CA LEU E 97 20.99 -35.83 4.45
C LEU E 97 20.09 -37.06 4.54
N ARG E 98 19.86 -37.68 3.38
CA ARG E 98 18.93 -38.82 3.26
C ARG E 98 19.10 -39.81 4.39
N GLY E 99 18.00 -40.07 5.10
CA GLY E 99 17.96 -41.00 6.22
C GLY E 99 18.46 -40.44 7.55
N VAL E 100 18.82 -39.16 7.56
CA VAL E 100 19.31 -38.50 8.76
C VAL E 100 18.59 -37.18 9.00
N GLY E 101 18.40 -36.39 7.95
CA GLY E 101 17.67 -35.14 8.10
C GLY E 101 18.05 -33.99 7.18
N TYR E 102 18.09 -32.78 7.72
CA TYR E 102 18.40 -31.58 6.93
C TYR E 102 19.51 -30.76 7.60
N VAL E 103 20.24 -30.01 6.81
CA VAL E 103 21.21 -29.09 7.40
C VAL E 103 21.37 -27.80 6.61
N LEU E 104 21.51 -26.69 7.34
CA LEU E 104 21.80 -25.39 6.75
C LEU E 104 23.31 -25.19 6.84
N ARG E 105 23.95 -25.14 5.69
CA ARG E 105 25.39 -24.92 5.65
C ARG E 105 25.77 -24.50 4.25
N GLU E 106 26.94 -23.88 4.11
CA GLU E 106 27.53 -23.71 2.80
C GLU E 106 27.88 -25.10 2.22
N PRO E 107 27.73 -25.27 0.89
CA PRO E 107 28.13 -26.54 0.25
C PRO E 107 29.65 -26.72 0.15
N ASN F 9 -4.57 -19.11 21.81
CA ASN F 9 -3.54 -19.67 20.88
C ASN F 9 -3.19 -18.61 19.82
N VAL F 10 -2.34 -17.65 20.22
CA VAL F 10 -1.98 -16.49 19.37
C VAL F 10 -1.65 -16.91 17.95
N ARG F 11 -0.85 -17.96 17.86
CA ARG F 11 -0.56 -18.69 16.64
C ARG F 11 -1.43 -19.96 16.77
N LEU F 12 -2.29 -20.26 15.77
CA LEU F 12 -3.09 -21.50 15.67
C LEU F 12 -2.89 -22.25 14.35
N THR F 13 -2.73 -23.57 14.39
CA THR F 13 -2.37 -24.30 13.16
C THR F 13 -2.98 -25.70 13.12
N PHE F 14 -3.27 -26.16 11.91
CA PHE F 14 -3.57 -27.57 11.62
C PHE F 14 -2.96 -27.88 10.26
N ALA F 15 -2.20 -28.98 10.19
CA ALA F 15 -1.54 -29.35 8.93
C ALA F 15 -0.78 -28.11 8.46
N ASP F 16 -1.02 -27.66 7.22
CA ASP F 16 -0.33 -26.48 6.69
C ASP F 16 -1.24 -25.25 6.62
N ILE F 17 -2.24 -25.22 7.51
CA ILE F 17 -3.07 -24.00 7.69
C ILE F 17 -2.59 -23.26 8.94
N GLU F 18 -2.43 -21.94 8.85
CA GLU F 18 -1.94 -21.13 9.97
C GLU F 18 -2.82 -19.92 10.15
N LEU F 19 -3.18 -19.62 11.41
CA LEU F 19 -3.99 -18.43 11.71
C LEU F 19 -3.32 -17.65 12.80
N ASP F 20 -3.43 -16.33 12.70
CA ASP F 20 -2.92 -15.42 13.74
C ASP F 20 -4.14 -14.68 14.27
N GLU F 21 -4.59 -15.07 15.45
CA GLU F 21 -5.79 -14.48 16.09
C GLU F 21 -5.67 -12.98 16.39
N GLU F 22 -4.46 -12.45 16.58
CA GLU F 22 -4.34 -11.01 16.86
C GLU F 22 -4.48 -10.16 15.58
N THR F 23 -3.78 -10.56 14.53
CA THR F 23 -3.81 -9.80 13.27
C THR F 23 -4.89 -10.32 12.31
N HIS F 24 -5.50 -11.44 12.68
CA HIS F 24 -6.41 -12.15 11.78
C HIS F 24 -5.74 -12.54 10.45
N GLU F 25 -4.42 -12.68 10.49
CA GLU F 25 -3.70 -13.20 9.36
C GLU F 25 -3.85 -14.71 9.26
N VAL F 26 -3.89 -15.19 8.02
CA VAL F 26 -4.01 -16.63 7.68
C VAL F 26 -3.03 -16.99 6.57
N TRP F 27 -2.47 -18.21 6.65
CA TRP F 27 -1.60 -18.75 5.58
C TRP F 27 -2.02 -20.20 5.26
N LYS F 28 -1.85 -20.60 4.02
CA LYS F 28 -2.08 -21.99 3.60
C LYS F 28 -0.87 -22.33 2.78
N ALA F 29 -0.17 -23.38 3.19
CA ALA F 29 1.02 -23.84 2.52
C ALA F 29 2.04 -22.69 2.46
N GLY F 30 2.07 -21.87 3.53
CA GLY F 30 3.07 -20.81 3.64
C GLY F 30 2.70 -19.52 2.91
N GLN F 31 1.57 -19.51 2.20
CA GLN F 31 1.16 -18.34 1.41
C GLN F 31 0.03 -17.60 2.08
N PRO F 32 0.08 -16.24 2.08
CA PRO F 32 -0.97 -15.50 2.74
C PRO F 32 -2.33 -15.64 2.04
N VAL F 33 -3.36 -15.59 2.86
CA VAL F 33 -4.76 -15.76 2.42
C VAL F 33 -5.53 -14.65 3.13
N SER F 34 -6.35 -13.91 2.37
CA SER F 34 -7.17 -12.84 2.94
CA SER F 34 -7.17 -12.84 2.92
C SER F 34 -8.55 -13.39 3.15
N LEU F 35 -9.00 -13.32 4.41
CA LEU F 35 -10.34 -13.77 4.80
C LEU F 35 -11.15 -12.66 5.37
N SER F 36 -12.47 -12.67 5.13
CA SER F 36 -13.33 -11.72 5.88
C SER F 36 -13.45 -12.19 7.35
N PRO F 37 -13.94 -11.32 8.25
CA PRO F 37 -14.12 -11.74 9.66
C PRO F 37 -14.94 -13.04 9.87
N THR F 38 -16.03 -13.20 9.13
CA THR F 38 -16.83 -14.42 9.23
C THR F 38 -16.04 -15.64 8.73
N GLU F 39 -15.35 -15.49 7.61
CA GLU F 39 -14.50 -16.57 7.09
C GLU F 39 -13.44 -16.96 8.14
N PHE F 40 -12.88 -15.94 8.78
CA PHE F 40 -11.83 -16.22 9.81
C PHE F 40 -12.43 -16.99 10.98
N THR F 41 -13.55 -16.51 11.48
CA THR F 41 -14.23 -17.15 12.59
C THR F 41 -14.56 -18.62 12.23
N LEU F 42 -15.07 -18.84 11.03
CA LEU F 42 -15.44 -20.18 10.56
C LEU F 42 -14.22 -21.11 10.48
N LEU F 43 -13.14 -20.62 9.86
CA LEU F 43 -11.91 -21.44 9.74
C LEU F 43 -11.39 -21.77 11.15
N ARG F 44 -11.43 -20.77 12.05
CA ARG F 44 -10.94 -20.92 13.44
C ARG F 44 -11.72 -22.03 14.12
N TYR F 45 -13.04 -22.03 13.90
CA TYR F 45 -13.93 -23.03 14.47
C TYR F 45 -13.59 -24.46 13.99
N PHE F 46 -13.40 -24.61 12.69
CA PHE F 46 -12.91 -25.89 12.15
C PHE F 46 -11.55 -26.30 12.73
N VAL F 47 -10.59 -25.40 12.76
CA VAL F 47 -9.24 -25.70 13.24
C VAL F 47 -9.22 -26.11 14.73
N ILE F 48 -9.95 -25.38 15.57
CA ILE F 48 -9.96 -25.71 17.01
C ILE F 48 -10.63 -27.07 17.20
N ASN F 49 -11.50 -27.43 16.27
CA ASN F 49 -12.27 -28.66 16.34
C ASN F 49 -11.78 -29.65 15.28
N ALA F 50 -10.50 -29.57 14.91
CA ALA F 50 -9.94 -30.43 13.85
C ALA F 50 -10.26 -31.92 14.13
N GLY F 51 -10.75 -32.61 13.11
CA GLY F 51 -11.08 -34.04 13.20
C GLY F 51 -12.50 -34.36 13.67
N THR F 52 -13.21 -33.32 14.14
CA THR F 52 -14.56 -33.49 14.68
C THR F 52 -15.58 -33.12 13.61
N VAL F 53 -16.59 -33.96 13.43
CA VAL F 53 -17.63 -33.70 12.43
C VAL F 53 -18.64 -32.68 12.96
N LEU F 54 -18.79 -31.58 12.24
CA LEU F 54 -19.59 -30.46 12.70
C LEU F 54 -20.82 -30.22 11.82
N SER F 55 -22.00 -30.32 12.44
CA SER F 55 -23.26 -30.12 11.75
C SER F 55 -23.45 -28.66 11.44
N LYS F 56 -24.36 -28.38 10.52
CA LYS F 56 -24.63 -27.01 10.11
C LYS F 56 -25.21 -26.13 11.23
N PRO F 57 -26.25 -26.63 11.95
CA PRO F 57 -26.78 -25.88 13.10
C PRO F 57 -25.73 -25.58 14.16
N LYS F 58 -24.80 -26.52 14.38
CA LYS F 58 -23.71 -26.29 15.33
C LYS F 58 -22.78 -25.16 14.85
N ILE F 59 -22.46 -25.16 13.57
CA ILE F 59 -21.60 -24.14 12.98
C ILE F 59 -22.32 -22.80 13.02
N LEU F 60 -23.58 -22.80 12.60
CA LEU F 60 -24.42 -21.61 12.66
C LEU F 60 -24.44 -20.97 14.05
N ASP F 61 -24.59 -21.80 15.08
CA ASP F 61 -24.64 -21.35 16.50
C ASP F 61 -23.39 -20.61 16.96
N HIS F 62 -22.24 -21.10 16.51
CA HIS F 62 -20.94 -20.69 17.04
C HIS F 62 -20.27 -19.58 16.25
N VAL F 63 -20.57 -19.51 14.95
CA VAL F 63 -19.92 -18.56 14.06
C VAL F 63 -20.76 -17.30 13.85
N TRP F 64 -22.09 -17.45 13.93
CA TRP F 64 -23.02 -16.32 13.86
C TRP F 64 -23.77 -16.26 15.19
N ASP F 71 -29.16 -18.19 8.37
CA ASP F 71 -29.70 -19.21 7.46
C ASP F 71 -28.77 -20.41 7.35
N VAL F 72 -29.34 -21.60 7.21
CA VAL F 72 -28.53 -22.82 6.99
C VAL F 72 -27.72 -22.67 5.70
N ASN F 73 -28.33 -21.98 4.74
CA ASN F 73 -27.68 -21.67 3.47
C ASN F 73 -26.45 -20.76 3.67
N VAL F 74 -26.45 -19.92 4.72
CA VAL F 74 -25.27 -19.08 4.98
C VAL F 74 -24.06 -19.94 5.31
N VAL F 75 -24.27 -21.04 6.05
CA VAL F 75 -23.15 -21.96 6.37
C VAL F 75 -22.59 -22.59 5.08
N GLU F 76 -23.49 -23.09 4.23
CA GLU F 76 -23.08 -23.69 2.97
C GLU F 76 -22.30 -22.68 2.14
N SER F 77 -22.79 -21.43 2.10
CA SER F 77 -22.16 -20.38 1.31
C SER F 77 -20.76 -20.13 1.79
N TYR F 78 -20.61 -19.96 3.10
CA TYR F 78 -19.30 -19.61 3.64
C TYR F 78 -18.32 -20.80 3.64
N VAL F 79 -18.82 -22.02 3.76
CA VAL F 79 -17.94 -23.17 3.63
C VAL F 79 -17.39 -23.16 2.21
N SER F 80 -18.24 -22.81 1.26
CA SER F 80 -17.85 -22.75 -0.14
C SER F 80 -16.80 -21.65 -0.36
N TYR F 81 -17.06 -20.47 0.18
CA TYR F 81 -16.09 -19.38 0.05
C TYR F 81 -14.73 -19.75 0.65
N LEU F 82 -14.77 -20.33 1.83
CA LEU F 82 -13.56 -20.74 2.54
C LEU F 82 -12.82 -21.79 1.76
N ARG F 83 -13.53 -22.78 1.22
CA ARG F 83 -12.87 -23.80 0.41
C ARG F 83 -12.13 -23.19 -0.76
N ARG F 84 -12.75 -22.22 -1.43
CA ARG F 84 -12.13 -21.55 -2.58
C ARG F 84 -10.84 -20.82 -2.24
N LYS F 85 -10.74 -20.31 -1.03
CA LYS F 85 -9.56 -19.57 -0.63
C LYS F 85 -8.47 -20.41 -0.03
N ILE F 86 -8.86 -21.47 0.67
CA ILE F 86 -7.88 -22.23 1.48
C ILE F 86 -7.74 -23.72 1.12
N ASP F 87 -8.62 -24.25 0.27
CA ASP F 87 -8.60 -25.73 0.04
C ASP F 87 -8.73 -26.17 -1.44
N THR F 88 -7.81 -25.80 -2.34
CA THR F 88 -8.01 -26.18 -3.76
C THR F 88 -6.83 -26.96 -4.30
N GLY F 89 -5.90 -27.30 -3.40
CA GLY F 89 -4.75 -28.14 -3.72
C GLY F 89 -5.00 -29.62 -3.86
N GLU F 90 -3.91 -30.38 -4.04
CA GLU F 90 -4.03 -31.81 -4.28
C GLU F 90 -4.69 -32.57 -3.14
N LYS F 91 -4.30 -32.25 -1.92
CA LYS F 91 -4.81 -32.90 -0.70
C LYS F 91 -5.81 -31.97 -0.02
N ARG F 92 -7.07 -32.38 0.02
CA ARG F 92 -8.12 -31.52 0.54
C ARG F 92 -8.32 -31.76 2.03
N LEU F 93 -8.46 -30.65 2.76
CA LEU F 93 -8.59 -30.72 4.21
C LEU F 93 -10.01 -30.46 4.72
N LEU F 94 -10.84 -29.81 3.92
CA LEU F 94 -12.22 -29.56 4.35
C LEU F 94 -13.24 -30.42 3.64
N HIS F 95 -13.87 -31.35 4.36
CA HIS F 95 -14.68 -32.39 3.74
C HIS F 95 -16.16 -32.31 4.09
N THR F 96 -17.01 -32.73 3.17
CA THR F 96 -18.44 -32.82 3.43
C THR F 96 -18.85 -34.27 3.73
N LEU F 97 -19.61 -34.44 4.82
CA LEU F 97 -20.30 -35.69 5.09
C LEU F 97 -21.79 -35.41 5.02
N ARG F 98 -22.38 -35.65 3.85
CA ARG F 98 -23.80 -35.41 3.61
C ARG F 98 -24.67 -35.92 4.74
N GLY F 99 -25.55 -35.05 5.23
CA GLY F 99 -26.49 -35.40 6.30
C GLY F 99 -25.91 -35.39 7.71
N VAL F 100 -24.59 -35.24 7.81
CA VAL F 100 -23.95 -35.11 9.12
C VAL F 100 -23.28 -33.74 9.30
N GLY F 101 -22.66 -33.23 8.24
CA GLY F 101 -22.02 -31.90 8.28
C GLY F 101 -20.65 -31.81 7.62
N TYR F 102 -19.74 -31.06 8.25
CA TYR F 102 -18.40 -30.81 7.67
C TYR F 102 -17.32 -31.18 8.64
N VAL F 103 -16.16 -31.52 8.10
CA VAL F 103 -15.03 -31.88 8.94
C VAL F 103 -13.69 -31.45 8.34
N LEU F 104 -12.88 -30.85 9.18
CA LEU F 104 -11.50 -30.53 8.84
C LEU F 104 -10.58 -31.69 9.23
N ARG F 105 -9.94 -32.29 8.22
CA ARG F 105 -9.03 -33.42 8.46
C ARG F 105 -8.19 -33.77 7.24
N GLU F 106 -7.06 -34.45 7.46
CA GLU F 106 -6.22 -34.85 6.34
C GLU F 106 -6.81 -36.09 5.69
N PRO F 107 -6.63 -36.27 4.36
CA PRO F 107 -6.96 -37.56 3.74
C PRO F 107 -6.20 -38.71 4.39
P PO4 G . -37.01 -6.48 -6.80
O1 PO4 G . -36.48 -7.86 -6.54
O2 PO4 G . -35.86 -5.45 -6.84
O3 PO4 G . -37.72 -6.36 -8.13
O4 PO4 G . -38.09 -6.32 -5.70
K K H . -30.27 13.00 8.61
UNK UNX I . -26.90 -20.37 -10.79
CL CL J . -1.08 29.74 -3.15
N GLY K . 1.35 25.89 -17.60
CA GLY K . -0.10 25.57 -17.80
C GLY K . -1.06 26.33 -16.90
O GLY K . -1.62 27.37 -17.25
OXT GLY K . -1.35 25.91 -15.79
N GLY L . 6.99 -25.92 20.90
CA GLY L . 8.48 -26.09 20.98
C GLY L . 9.19 -25.11 21.92
O GLY L . 10.30 -24.64 21.65
OXT GLY L . 8.71 -24.73 22.98
N GLY M . -6.40 33.24 -1.05
CA GLY M . -7.86 33.56 -0.76
C GLY M . -8.29 33.37 0.69
O GLY M . -9.45 33.09 1.04
OXT GLY M . -7.48 33.47 1.61
UNK UNX N . -9.81 29.67 -0.93
P PO4 O . 36.06 1.19 11.43
P PO4 O . 35.79 1.46 11.26
O1 PO4 O . 34.80 0.40 11.71
O2 PO4 O . 35.81 1.96 10.16
O2 PO4 O . 36.90 1.42 12.28
O3 PO4 O . 36.37 2.15 12.56
O3 PO4 O . 36.31 1.16 9.88
O4 PO4 O . 37.23 0.28 11.24
O4 PO4 O . 35.18 2.83 11.24
P PO4 P . 36.96 -0.42 -11.16
O1 PO4 P . 35.80 -1.16 -10.47
O2 PO4 P . 37.57 -1.43 -12.09
O3 PO4 P . 36.47 0.80 -11.92
O4 PO4 P . 38.08 0.14 -10.27
K K Q . 31.24 -4.83 13.62
CL CL R . 28.27 -10.61 12.63
UNK UNX S . 26.31 7.63 -22.53
P PO4 T . 10.17 -19.56 20.23
O1 PO4 T . 11.09 -18.50 20.79
O2 PO4 T . 9.88 -20.57 21.32
O3 PO4 T . 8.92 -18.87 19.78
O4 PO4 T . 10.79 -20.29 19.05
K K U . 22.19 -9.74 15.87
CL CL V . 23.45 -2.97 16.70
CL CL W . 1.80 -24.70 17.14
UNK UNX X . 10.65 -23.29 18.42
#